data_7B72
#
_entry.id   7B72
#
loop_
_entity.id
_entity.type
_entity.pdbx_description
1 polymer "DNA (5'-D(*CP*AP*CP*GP*CP*CP*GP*CP*TP*G)-3')"
2 polymer "DNA (5'-D(*CP*AP*GP*CP*GP*GP*CP*GP*(RGT)P*G)-3')"
#
loop_
_entity_poly.entity_id
_entity_poly.type
_entity_poly.pdbx_seq_one_letter_code
_entity_poly.pdbx_strand_id
1 'polydeoxyribonucleotide' (DC)(DA)(DC)(DG)(DC)(DC)(DG)(DC)(DT)(DG) A
2 'polydeoxyribonucleotide' (DC)(DA)(DG)(DC)(DG)(DG)(DC)(DG)(T0N)(DG) B
#
loop_
_chem_comp.id
_chem_comp.type
_chem_comp.name
_chem_comp.formula
DA DNA linking 2'-DEOXYADENOSINE-5'-MONOPHOSPHATE 'C10 H14 N5 O6 P'
DC DNA linking 2'-DEOXYCYTIDINE-5'-MONOPHOSPHATE 'C9 H14 N3 O7 P'
DG DNA linking 2'-DEOXYGUANOSINE-5'-MONOPHOSPHATE 'C10 H14 N5 O7 P'
DT DNA linking THYMIDINE-5'-MONOPHOSPHATE 'C10 H15 N2 O8 P'
T0N DNA linking '~{N}-(1,3-dimethylimidazolidin-2-yl)-[[(2~{R},3~{S},5~{R})-5-[5-methyl-2,4-bis(oxidanylidene)pyrimidin-1-yl]-3-oxidanyl-oxolan-2-yl]methoxy]phosphonamidic acid' 'C15 H26 N5 O7 P'
#
# COMPACT_ATOMS: atom_id res chain seq x y z
P T0N B 9 -1.25 -0.59 -0.95
OP1 T0N B 9 -2.23 -0.74 0.15
C6 T0N B 9 -0.02 2.50 2.40
C5 T0N B 9 -0.91 3.24 3.10
C4 T0N B 9 -0.49 4.47 3.78
N3 T0N B 9 0.84 4.76 3.68
C2 T0N B 9 1.79 4.02 3.00
N1 T0N B 9 1.32 2.88 2.33
C1' T0N B 9 2.31 2.06 1.57
C2' T0N B 9 2.31 0.59 1.98
C3' T0N B 9 2.94 -0.05 0.75
O3' T0N B 9 4.35 -0.10 0.79
O4' T0N B 9 2.04 2.09 0.18
C4' T0N B 9 2.44 0.85 -0.39
C5' T0N B 9 1.26 0.24 -1.16
O5' T0N B 9 0.12 0.02 -0.34
C7 T0N B 9 -2.35 2.77 3.22
O4 T0N B 9 -1.22 5.25 4.38
O2 T0N B 9 2.96 4.37 3.03
NP T0N B 9 -1.03 -1.87 -1.84
CN T0N B 9 -1.46 -3.10 -1.34
NC1 T0N B 9 -1.26 -3.64 -0.07
NC2 T0N B 9 -1.81 -4.13 -2.22
C31 T0N B 9 -1.48 -5.10 -0.09
C32 T0N B 9 -0.32 -3.14 0.96
C33 T0N B 9 -1.78 -4.07 -3.69
C34 T0N B 9 -1.85 -5.44 -1.54
H6 T0N B 9 -0.32 1.61 1.88
H3 T0N B 9 1.17 5.58 4.16
H1' T0N B 9 3.33 2.44 1.74
H2' T0N B 9 1.28 0.17 2.06
H2'' T0N B 9 3.01 0.50 2.84
H3' T0N B 9 2.54 -1.05 0.61
H4' T0N B 9 3.27 1.02 -1.09
H5' T0N B 9 1.01 0.91 -1.99
H5'' T0N B 9 1.58 -0.71 -1.60
H73 T0N B 9 -3.02 3.50 2.75
H72 T0N B 9 -2.61 2.70 4.27
H71 T0N B 9 -2.50 1.78 2.76
H12 T0N B 9 -0.58 -5.66 0.20
H11 T0N B 9 -2.29 -5.37 0.59
H23 T0N B 9 -0.11 -3.91 1.71
H21 T0N B 9 -0.76 -2.29 1.50
H22 T0N B 9 0.61 -2.82 0.49
H33 T0N B 9 -2.33 -3.19 -4.04
H31 T0N B 9 -2.24 -4.95 -4.12
H32 T0N B 9 -0.75 -4.00 -4.05
H42 T0N B 9 -1.13 -6.13 -1.98
H41 T0N B 9 -2.85 -5.86 -1.60
P T0N B 9 -1.53 -0.98 -0.79
OP1 T0N B 9 -2.49 -1.19 0.31
C6 T0N B 9 -0.40 2.45 2.83
C5 T0N B 9 -1.27 3.27 3.47
C4 T0N B 9 -0.82 4.52 4.07
N3 T0N B 9 0.54 4.74 3.98
C2 T0N B 9 1.46 3.92 3.35
N1 T0N B 9 0.95 2.76 2.74
C1' T0N B 9 1.89 1.88 2.01
C2' T0N B 9 1.85 0.41 2.46
C3' T0N B 9 2.43 -0.29 1.25
O3' T0N B 9 3.86 -0.41 1.32
O4' T0N B 9 1.58 1.87 0.63
C4' T0N B 9 2.04 0.63 0.08
C5' T0N B 9 0.94 0.03 -0.82
O5' T0N B 9 -0.26 -0.27 -0.09
C7 T0N B 9 -2.74 2.88 3.55
O4 T0N B 9 -1.51 5.36 4.63
O2 T0N B 9 2.64 4.24 3.36
NP T0N B 9 -1.13 -2.32 -1.52
CN T0N B 9 -0.67 -2.12 -2.81
NC1 T0N B 9 0.49 -2.77 -3.26
NC2 T0N B 9 -1.52 -1.93 -3.91
C31 T0N B 9 0.46 -2.97 -4.71
C32 T0N B 9 1.31 -3.70 -2.44
C33 T0N B 9 -2.98 -2.10 -3.84
C34 T0N B 9 -0.88 -2.36 -5.15
H6 T0N B 9 -0.75 1.53 2.38
H3 T0N B 9 0.90 5.58 4.41
H1' T0N B 9 2.92 2.23 2.16
H2' T0N B 9 0.79 0.05 2.56
H2'' T0N B 9 2.53 0.34 3.33
H3' T0N B 9 1.97 -1.28 1.13
H4' T0N B 9 2.92 0.82 -0.54
H5' T0N B 9 0.72 0.74 -1.61
H5'' T0N B 9 1.33 -0.87 -1.26
H73 T0N B 9 -3.35 3.67 3.12
H72 T0N B 9 -3.02 2.74 4.59
H71 T0N B 9 -2.94 1.96 2.99
H12 T0N B 9 1.29 -2.45 -5.19
H11 T0N B 9 0.50 -4.03 -4.98
H23 T0N B 9 0.78 -4.65 -2.32
H21 T0N B 9 1.49 -3.27 -1.46
H22 T0N B 9 2.27 -3.89 -2.93
H33 T0N B 9 -3.23 -3.13 -3.59
H31 T0N B 9 -3.44 -1.87 -4.81
H32 T0N B 9 -3.44 -1.43 -3.10
H42 T0N B 9 -0.71 -1.50 -5.81
H41 T0N B 9 -1.48 -3.11 -5.68
P T0N B 9 -0.93 -0.51 -1.49
OP1 T0N B 9 -1.98 -0.94 -0.53
C6 T0N B 9 0.05 2.68 2.42
C5 T0N B 9 -0.86 3.38 3.13
C4 T0N B 9 -0.48 4.61 3.82
N3 T0N B 9 0.86 4.94 3.72
C2 T0N B 9 1.80 4.25 3.02
N1 T0N B 9 1.36 3.10 2.33
C1' T0N B 9 2.34 2.34 1.51
C2' T0N B 9 2.41 0.85 1.82
C3' T0N B 9 3.03 0.29 0.55
O3' T0N B 9 4.46 0.30 0.59
O4' T0N B 9 2.01 2.42 0.13
C4' T0N B 9 2.53 1.28 -0.53
C5' T0N B 9 1.44 0.66 -1.44
O5' T0N B 9 0.26 0.26 -0.74
C7 T0N B 9 -2.30 2.89 3.20
O4 T0N B 9 -1.23 5.35 4.46
O2 T0N B 9 2.96 4.64 3.01
NP T0N B 9 -0.39 -1.66 -2.44
CN T0N B 9 -1.07 -2.86 -2.44
NC1 T0N B 9 -0.39 -4.07 -2.67
NC2 T0N B 9 -2.43 -3.07 -2.73
C31 T0N B 9 -1.30 -5.14 -3.09
C32 T0N B 9 1.06 -4.21 -2.88
C33 T0N B 9 -3.37 -2.04 -3.24
C34 T0N B 9 -2.68 -4.47 -3.13
H6 T0N B 9 -0.25 1.78 1.90
H3 T0N B 9 1.16 5.77 4.21
H1' T0N B 9 3.35 2.73 1.66
H2' T0N B 9 1.38 0.39 1.90
H2'' T0N B 9 3.11 0.75 2.68
H3' T0N B 9 2.66 -0.71 0.36
H4' T0N B 9 3.37 1.56 -1.15
H5' T0N B 9 1.19 1.40 -2.19
H5'' T0N B 9 1.87 -0.21 -1.94
H73 T0N B 9 -2.55 2.65 4.24
H72 T0N B 9 -2.44 1.99 2.59
H71 T0N B 9 -2.98 3.67 2.86
H12 T0N B 9 -1.03 -5.50 -4.09
H11 T0N B 9 -1.28 -5.96 -2.38
H23 T0N B 9 1.35 -3.72 -3.82
H21 T0N B 9 1.35 -5.25 -2.92
H22 T0N B 9 1.60 -3.72 -2.06
H33 T0N B 9 -2.84 -1.33 -3.89
H31 T0N B 9 -3.84 -1.53 -2.40
H32 T0N B 9 -4.16 -2.49 -3.83
H42 T0N B 9 -3.11 -4.53 -4.12
H41 T0N B 9 -3.36 -4.94 -2.40
P T0N B 9 -1.84 -0.49 -1.07
OP1 T0N B 9 -2.23 -1.69 -0.29
C6 T0N B 9 -0.26 2.30 2.44
C5 T0N B 9 -1.07 3.00 3.30
C4 T0N B 9 -0.55 4.15 4.02
N3 T0N B 9 0.78 4.40 3.85
C2 T0N B 9 1.63 3.71 3.02
N1 T0N B 9 1.06 2.66 2.27
C1' T0N B 9 1.95 1.92 1.33
C2' T0N B 9 1.98 0.41 1.56
C3' T0N B 9 2.45 -0.10 0.21
O3' T0N B 9 3.87 -0.15 0.09
O4' T0N B 9 1.50 2.09 -0.01
C4' T0N B 9 1.87 0.93 -0.76
C5' T0N B 9 0.62 0.40 -1.50
O5' T0N B 9 -0.37 -0.06 -0.59
C7 T0N B 9 -2.51 2.56 3.51
O4 T0N B 9 -1.21 4.91 4.74
O2 T0N B 9 2.81 4.04 2.95
NP T0N B 9 -1.99 -0.55 -2.64
CN T0N B 9 -2.48 -1.71 -3.22
NC1 T0N B 9 -2.02 -2.12 -4.46
NC2 T0N B 9 -3.69 -2.37 -2.94
C31 T0N B 9 -2.90 -3.11 -5.08
C32 T0N B 9 -0.96 -1.47 -5.25
C33 T0N B 9 -4.83 -1.86 -2.13
C34 T0N B 9 -4.04 -3.28 -4.06
H6 T0N B 9 -0.66 1.46 1.88
H3 T0N B 9 1.18 5.17 4.37
H1' T0N B 9 2.99 2.28 1.41
H2' T0N B 9 0.95 0.00 1.72
H2'' T0N B 9 2.77 0.25 2.34
H3' T0N B 9 2.01 -1.09 0.03
H4' T0N B 9 2.62 1.19 -1.50
H5' T0N B 9 0.23 1.20 -2.12
H5'' T0N B 9 0.92 -0.41 -2.16
H73 T0N B 9 -3.19 3.35 3.19
H72 T0N B 9 -2.67 2.39 4.58
H71 T0N B 9 -2.72 1.62 2.98
H12 T0N B 9 -3.29 -2.75 -6.04
H11 T0N B 9 -2.38 -4.06 -5.23
H23 T0N B 9 -0.68 -2.09 -6.11
H21 T0N B 9 -0.08 -1.30 -4.63
H22 T0N B 9 -1.31 -0.50 -5.62
H33 T0N B 9 -4.57 -1.84 -1.07
H31 T0N B 9 -5.68 -2.54 -2.21
H32 T0N B 9 -5.14 -0.89 -2.51
H42 T0N B 9 -5.00 -2.98 -4.52
H41 T0N B 9 -4.11 -4.30 -3.71
P T0N B 9 -1.45 -1.02 -1.05
OP1 T0N B 9 -2.43 -1.30 0.02
C6 T0N B 9 -0.58 2.28 2.63
C5 T0N B 9 -1.53 3.05 3.23
C4 T0N B 9 -1.17 4.32 3.85
N3 T0N B 9 0.17 4.61 3.84
C2 T0N B 9 1.15 3.83 3.28
N1 T0N B 9 0.75 2.66 2.63
C1' T0N B 9 1.77 1.84 1.92
C2' T0N B 9 1.77 0.37 2.31
C3' T0N B 9 2.43 -0.27 1.10
O3' T0N B 9 3.85 -0.36 1.21
O4' T0N B 9 1.56 1.88 0.52
C4' T0N B 9 2.04 0.67 -0.05
C5' T0N B 9 0.98 0.07 -0.98
O5' T0N B 9 -0.23 -0.28 -0.30
C7 T0N B 9 -2.98 2.59 3.23
O4 T0N B 9 -1.93 5.14 4.38
O2 T0N B 9 2.33 4.20 3.37
NP T0N B 9 -0.97 -2.33 -1.79
CN T0N B 9 -0.53 -2.10 -3.08
NC1 T0N B 9 -1.37 -1.87 -4.17
NC2 T0N B 9 0.64 -2.71 -3.55
C31 T0N B 9 -0.72 -2.25 -5.44
C32 T0N B 9 -2.85 -2.04 -4.13
C33 T0N B 9 1.52 -3.60 -2.77
C34 T0N B 9 0.64 -2.83 -5.02
H6 T0N B 9 -0.87 1.36 2.14
H3 T0N B 9 0.47 5.45 4.32
H1' T0N B 9 2.78 2.24 2.14
H2' T0N B 9 0.73 -0.05 2.36
H2'' T0N B 9 2.43 0.28 3.20
H3' T0N B 9 2.01 -1.28 0.92
H4' T0N B 9 2.93 0.88 -0.64
H5' T0N B 9 0.76 0.79 -1.76
H5'' T0N B 9 1.40 -0.82 -1.44
H73 T0N B 9 -3.60 3.39 2.80
H72 T0N B 9 -3.30 2.46 4.27
H71 T0N B 9 -3.11 1.66 2.69
H12 T0N B 9 -1.31 -3.00 -5.97
H11 T0N B 9 -0.58 -1.37 -6.07
H23 T0N B 9 -3.26 -2.03 -5.15
H21 T0N B 9 -3.30 -1.24 -3.56
H22 T0N B 9 -3.11 -2.98 -3.67
H33 T0N B 9 2.48 -3.74 -3.28
H31 T0N B 9 1.05 -4.58 -2.66
H32 T0N B 9 1.71 -3.19 -1.79
H42 T0N B 9 0.71 -3.88 -5.32
H41 T0N B 9 1.46 -2.25 -5.46
P T0N B 9 -0.79 -0.23 -1.89
OP1 T0N B 9 -1.79 -0.61 -0.88
C6 T0N B 9 0.07 2.54 1.93
C5 T0N B 9 -0.91 3.15 2.64
C4 T0N B 9 -0.61 4.34 3.45
N3 T0N B 9 0.72 4.71 3.46
C2 T0N B 9 1.73 4.08 2.78
N1 T0N B 9 1.37 2.99 1.97
C1' T0N B 9 2.45 2.33 1.18
C2' T0N B 9 2.53 0.82 1.39
C3' T0N B 9 3.26 0.40 0.13
O3' T0N B 9 4.68 0.43 0.25
O4' T0N B 9 2.24 2.53 -0.21
C4' T0N B 9 2.75 1.40 -0.92
C5' T0N B 9 1.66 0.80 -1.83
O5' T0N B 9 0.48 0.41 -1.12
C7 T0N B 9 -2.33 2.62 2.63
O4 T0N B 9 -1.41 5.02 4.08
O2 T0N B 9 2.88 4.50 2.90
NP T0N B 9 -0.40 -1.38 -2.90
CN T0N B 9 -0.68 -2.70 -2.57
NC1 T0N B 9 -0.44 -3.34 -1.34
NC2 T0N B 9 -0.86 -3.66 -3.55
C31 T0N B 9 -0.43 -4.81 -1.52
C32 T0N B 9 0.42 -2.83 -0.25
C33 T0N B 9 -0.82 -3.44 -5.00
C34 T0N B 9 -0.74 -5.03 -3.02
H6 T0N B 9 -0.17 1.67 1.32
H3 T0N B 9 0.98 5.49 4.05
H1' T0N B 9 3.42 2.74 1.45
H2' T0N B 9 1.52 0.35 1.36
H2'' T0N B 9 3.18 0.67 2.28
H3' T0N B 9 2.95 -0.60 -0.14
H4' T0N B 9 3.59 1.71 -1.54
H5' T0N B 9 1.40 1.56 -2.57
H5'' T0N B 9 2.08 -0.06 -2.35
H73 T0N B 9 -2.40 1.70 2.04
H72 T0N B 9 -3.01 3.36 2.24
H71 T0N B 9 -2.64 2.40 3.65
H12 T0N B 9 0.55 -5.24 -1.28
H11 T0N B 9 -1.20 -5.27 -0.89
H23 T0N B 9 0.75 -3.64 0.40
H21 T0N B 9 -0.12 -2.11 0.37
H22 T0N B 9 1.29 -2.34 -0.70
H33 T0N B 9 0.20 -3.21 -5.32
H31 T0N B 9 -1.47 -2.60 -5.27
H32 T0N B 9 -1.18 -4.32 -5.54
H42 T0N B 9 0.08 -5.57 -3.50
H41 T0N B 9 -1.67 -5.58 -3.13
P T0N B 9 -1.12 -0.48 -1.31
OP1 T0N B 9 -2.03 -0.83 -0.18
C6 T0N B 9 -0.04 2.56 2.51
C5 T0N B 9 -0.96 3.28 3.19
C4 T0N B 9 -0.58 4.51 3.89
N3 T0N B 9 0.76 4.81 3.83
C2 T0N B 9 1.72 4.09 3.16
N1 T0N B 9 1.28 2.95 2.46
C1' T0N B 9 2.28 2.21 1.64
C2' T0N B 9 2.32 0.71 1.92
C3' T0N B 9 2.91 0.17 0.62
O3' T0N B 9 4.34 0.12 0.64
O4' T0N B 9 1.97 2.35 0.26
C4' T0N B 9 2.42 1.19 -0.43
C5' T0N B 9 1.30 0.64 -1.32
O5' T0N B 9 0.13 0.24 -0.59
C7 T0N B 9 -2.42 2.82 3.23
O4 T0N B 9 -1.33 5.28 4.49
O2 T0N B 9 2.89 4.46 3.21
NP T0N B 9 -0.69 -1.74 -2.14
CN T0N B 9 -0.36 -1.43 -3.45
NC1 T0N B 9 -1.31 -1.18 -4.46
NC2 T0N B 9 0.79 -1.97 -4.05
C31 T0N B 9 -0.74 -1.46 -5.79
C32 T0N B 9 -2.75 -1.47 -4.31
C33 T0N B 9 1.74 -2.90 -3.39
C34 T0N B 9 0.66 -2.03 -5.51
H6 T0N B 9 -0.34 1.66 1.99
H3 T0N B 9 1.07 5.63 4.34
H1' T0N B 9 3.29 2.61 1.82
H2' T0N B 9 1.29 0.27 2.01
H2'' T0N B 9 3.04 0.58 2.75
H3' T0N B 9 2.50 -0.82 0.41
H4' T0N B 9 3.26 1.45 -1.06
H5' T0N B 9 1.02 1.41 -2.03
H5'' T0N B 9 1.69 -0.21 -1.87
H73 T0N B 9 -2.71 2.65 4.27
H72 T0N B 9 -2.55 1.90 2.66
H71 T0N B 9 -3.05 3.60 2.84
H12 T0N B 9 -1.34 -2.19 -6.33
H11 T0N B 9 -0.68 -0.53 -6.37
H23 T0N B 9 -3.20 -0.88 -3.52
H21 T0N B 9 -2.91 -2.51 -4.06
H22 T0N B 9 -3.29 -1.22 -5.22
H33 T0N B 9 2.64 -2.99 -3.99
H31 T0N B 9 1.28 -3.88 -3.29
H32 T0N B 9 2.00 -2.54 -2.40
H42 T0N B 9 0.72 -3.06 -5.86
H41 T0N B 9 1.43 -1.42 -6.00
P T0N B 9 -0.82 -0.53 -1.33
OP1 T0N B 9 -1.91 -0.95 -0.40
C6 T0N B 9 -0.06 2.76 2.48
C5 T0N B 9 -1.04 3.43 3.14
C4 T0N B 9 -0.72 4.69 3.83
N3 T0N B 9 0.60 5.05 3.80
C2 T0N B 9 1.61 4.38 3.15
N1 T0N B 9 1.24 3.21 2.45
C1' T0N B 9 2.28 2.49 1.67
C2' T0N B 9 2.39 1.00 2.00
C3' T0N B 9 3.05 0.44 0.76
O3' T0N B 9 4.47 0.46 0.83
O4' T0N B 9 2.00 2.55 0.29
C4' T0N B 9 2.55 1.39 -0.35
C5' T0N B 9 1.49 0.74 -1.26
O5' T0N B 9 0.32 0.32 -0.57
C7 T0N B 9 -2.46 2.91 3.14
O4 T0N B 9 -1.51 5.42 4.41
O2 T0N B 9 2.75 4.81 3.20
NP T0N B 9 -0.24 -1.70 -2.22
CN T0N B 9 -0.96 -2.88 -2.36
NC1 T0N B 9 -0.30 -4.09 -2.63
NC2 T0N B 9 -2.32 -3.04 -2.67
C31 T0N B 9 -1.23 -5.11 -3.13
C32 T0N B 9 1.15 -4.27 -2.77
C33 T0N B 9 -3.25 -1.98 -3.10
C34 T0N B 9 -2.59 -4.41 -3.14
H6 T0N B 9 -0.31 1.84 1.96
H3 T0N B 9 0.86 5.90 4.29
H1' T0N B 9 3.27 2.93 1.86
H2' T0N B 9 1.38 0.52 2.06
H2'' T0N B 9 3.08 0.94 2.88
H3' T0N B 9 2.70 -0.57 0.56
H4' T0N B 9 3.40 1.69 -0.96
H5' T0N B 9 1.22 1.47 -2.03
H5'' T0N B 9 1.96 -0.11 -1.75
H73 T0N B 9 -3.14 3.67 2.75
H72 T0N B 9 -2.75 2.69 4.17
H71 T0N B 9 -2.55 2.01 2.55
H12 T0N B 9 -0.96 -5.43 -4.13
H11 T0N B 9 -1.25 -5.97 -2.45
H23 T0N B 9 1.40 -5.33 -2.82
H21 T0N B 9 1.68 -3.83 -1.92
H22 T0N B 9 1.50 -3.78 -3.68
H33 T0N B 9 -4.00 -2.39 -3.79
H31 T0N B 9 -2.72 -1.19 -3.63
H32 T0N B 9 -3.78 -1.60 -2.23
H42 T0N B 9 -3.00 -4.40 -4.16
H41 T0N B 9 -3.30 -4.90 -2.48
P T0N B 9 -1.53 -0.97 -0.24
OP1 T0N B 9 -2.64 -1.10 0.73
C6 T0N B 9 -0.42 2.76 3.00
C5 T0N B 9 -1.32 3.63 3.52
C4 T0N B 9 -0.89 4.96 3.97
N3 T0N B 9 0.45 5.20 3.85
C2 T0N B 9 1.39 4.33 3.33
N1 T0N B 9 0.92 3.09 2.88
C1' T0N B 9 1.89 2.14 2.25
C2' T0N B 9 1.86 0.74 2.84
C3' T0N B 9 2.46 -0.08 1.71
O3' T0N B 9 3.88 -0.16 1.79
O4' T0N B 9 1.60 2.00 0.87
C4' T0N B 9 2.05 0.70 0.45
C5' T0N B 9 0.93 0.01 -0.34
O5' T0N B 9 -0.28 -0.17 0.38
C7 T0N B 9 -2.78 3.23 3.65
O4 T0N B 9 -1.60 5.85 4.42
O2 T0N B 9 2.57 4.68 3.30
NP T0N B 9 -1.09 -2.33 -0.93
CN T0N B 9 -1.95 -3.42 -0.91
NC1 T0N B 9 -3.33 -3.46 -1.21
NC2 T0N B 9 -1.45 -4.72 -0.98
C31 T0N B 9 -3.77 -4.83 -1.47
C32 T0N B 9 -4.14 -2.37 -1.81
C33 T0N B 9 -0.04 -5.11 -1.08
C34 T0N B 9 -2.51 -5.69 -1.33
H6 T0N B 9 -0.76 1.79 2.67
H3 T0N B 9 0.80 6.08 4.19
H1' T0N B 9 2.91 2.53 2.36
H2' T0N B 9 0.81 0.36 2.98
H2'' T0N B 9 2.55 0.77 3.71
H3' T0N B 9 2.02 -1.08 1.69
H4' T0N B 9 2.91 0.81 -0.19
H5' T0N B 9 0.74 0.59 -1.24
H5'' T0N B 9 1.31 -0.97 -0.66
H73 T0N B 9 -3.06 3.23 4.69
H72 T0N B 9 -2.96 2.24 3.22
H71 T0N B 9 -3.40 3.96 3.13
H12 T0N B 9 -4.53 -5.13 -0.74
H11 T0N B 9 -4.18 -4.92 -2.48
H23 T0N B 9 -4.93 -2.77 -2.43
H21 T0N B 9 -3.50 -1.73 -2.44
H22 T0N B 9 -4.60 -1.79 -1.00
H33 T0N B 9 0.08 -6.19 -0.96
H31 T0N B 9 0.54 -4.61 -0.30
H32 T0N B 9 0.36 -4.81 -2.05
H42 T0N B 9 -2.63 -6.42 -0.52
H41 T0N B 9 -2.28 -6.19 -2.26
P T0N B 9 -0.85 -0.31 -1.13
OP1 T0N B 9 -1.94 -0.70 -0.20
C6 T0N B 9 0.22 2.56 2.99
C5 T0N B 9 -0.65 3.38 3.65
C4 T0N B 9 -0.16 4.48 4.48
N3 T0N B 9 1.21 4.55 4.58
C2 T0N B 9 2.11 3.74 3.93
N1 T0N B 9 1.58 2.77 3.08
C1' T0N B 9 2.52 1.98 2.23
C2' T0N B 9 2.38 0.48 2.38
C3' T0N B 9 3.02 0.01 1.08
O3' T0N B 9 4.42 -0.19 1.21
O4' T0N B 9 2.28 2.26 0.86
C4' T0N B 9 2.70 1.13 0.09
C5' T0N B 9 1.59 0.72 -0.91
O5' T0N B 9 0.37 0.31 -0.28
C7 T0N B 9 -2.15 3.15 3.51
O4 T0N B 9 -0.83 5.31 5.06
O2 T0N B 9 3.32 3.91 4.11
NP T0N B 9 -0.43 -1.43 -2.15
CN T0N B 9 -0.83 -2.74 -1.91
NC1 T0N B 9 -1.02 -3.64 -2.96
NC2 T0N B 9 -0.67 -3.47 -0.72
C31 T0N B 9 -1.00 -5.03 -2.50
C32 T0N B 9 -0.87 -3.34 -4.40
C33 T0N B 9 0.18 -3.07 0.41
C34 T0N B 9 -0.75 -4.92 -0.99
H6 T0N B 9 -0.14 1.76 2.36
H3 T0N B 9 1.59 5.28 5.16
H1' T0N B 9 3.56 2.23 2.48
H2' T0N B 9 1.30 0.16 2.35
H2'' T0N B 9 2.99 0.19 3.25
H3' T0N B 9 2.54 -0.90 0.76
H4' T0N B 9 3.59 1.38 -0.47
H5' T0N B 9 1.40 1.55 -1.58
H5'' T0N B 9 1.98 -0.11 -1.50
H73 T0N B 9 -2.58 2.95 4.49
H72 T0N B 9 -2.37 2.31 2.85
H71 T0N B 9 -2.62 4.05 3.13
H12 T0N B 9 -1.95 -5.52 -2.69
H11 T0N B 9 -0.19 -5.59 -2.98
H23 T0N B 9 -1.25 -4.16 -5.00
H21 T0N B 9 0.19 -3.17 -4.64
H22 T0N B 9 -1.44 -2.43 -4.65
H33 T0N B 9 -0.31 -2.30 1.01
H31 T0N B 9 1.14 -2.73 0.01
H32 T0N B 9 0.38 -3.91 1.07
H42 T0N B 9 -1.57 -5.37 -0.42
H41 T0N B 9 0.19 -5.42 -0.73
#